data_2C4S
# 
_entry.id   2C4S 
# 
_audit_conform.dict_name       mmcif_pdbx.dic 
_audit_conform.dict_version    5.387 
_audit_conform.dict_location   http://mmcif.pdb.org/dictionaries/ascii/mmcif_pdbx.dic 
# 
loop_
_database_2.database_id 
_database_2.database_code 
_database_2.pdbx_database_accession 
_database_2.pdbx_DOI 
PDB   2C4S         pdb_00002c4s 10.2210/pdb2c4s/pdb 
WWPDB D_1000177883 ?            ?                   
# 
loop_
_pdbx_audit_revision_history.ordinal 
_pdbx_audit_revision_history.data_content_type 
_pdbx_audit_revision_history.major_revision 
_pdbx_audit_revision_history.minor_revision 
_pdbx_audit_revision_history.revision_date 
1 'Structure model' 1 0 1980-03-28 
2 'Structure model' 1 1 2008-03-21 
3 'Structure model' 1 2 2011-07-13 
4 'Structure model' 2 0 2020-07-29 
5 'Structure model' 2 1 2024-02-14 
# 
loop_
_pdbx_audit_revision_details.ordinal 
_pdbx_audit_revision_details.revision_ordinal 
_pdbx_audit_revision_details.data_content_type 
_pdbx_audit_revision_details.provider 
_pdbx_audit_revision_details.type 
_pdbx_audit_revision_details.description 
_pdbx_audit_revision_details.details 
1 1 'Structure model' repository 'Initial release' ?                          ? 
2 4 'Structure model' repository Remediation       'Carbohydrate remediation' ? 
# 
loop_
_pdbx_audit_revision_group.ordinal 
_pdbx_audit_revision_group.revision_ordinal 
_pdbx_audit_revision_group.data_content_type 
_pdbx_audit_revision_group.group 
1  2 'Structure model' 'Version format compliance' 
2  3 'Structure model' 'Version format compliance' 
3  4 'Structure model' Advisory                    
4  4 'Structure model' 'Atomic model'              
5  4 'Structure model' 'Data collection'           
6  4 'Structure model' 'Derived calculations'      
7  4 'Structure model' Other                       
8  4 'Structure model' 'Structure summary'         
9  5 'Structure model' 'Data collection'           
10 5 'Structure model' 'Database references'       
11 5 'Structure model' 'Structure summary'         
# 
loop_
_pdbx_audit_revision_category.ordinal 
_pdbx_audit_revision_category.revision_ordinal 
_pdbx_audit_revision_category.data_content_type 
_pdbx_audit_revision_category.category 
1  4 'Structure model' atom_site                     
2  4 'Structure model' chem_comp                     
3  4 'Structure model' database_PDB_caveat           
4  4 'Structure model' entity                        
5  4 'Structure model' pdbx_branch_scheme            
6  4 'Structure model' pdbx_chem_comp_identifier     
7  4 'Structure model' pdbx_database_status          
8  4 'Structure model' pdbx_entity_branch            
9  4 'Structure model' pdbx_entity_branch_descriptor 
10 4 'Structure model' pdbx_entity_branch_link       
11 4 'Structure model' pdbx_entity_branch_list       
12 4 'Structure model' pdbx_entity_nonpoly           
13 4 'Structure model' pdbx_nonpoly_scheme           
14 4 'Structure model' pdbx_struct_assembly_gen      
15 4 'Structure model' pdbx_struct_conn_angle        
16 4 'Structure model' pdbx_validate_symm_contact    
17 4 'Structure model' struct_asym                   
18 4 'Structure model' struct_conn                   
19 4 'Structure model' struct_site                   
20 4 'Structure model' struct_site_gen               
21 5 'Structure model' chem_comp                     
22 5 'Structure model' chem_comp_atom                
23 5 'Structure model' chem_comp_bond                
24 5 'Structure model' database_2                    
# 
loop_
_pdbx_audit_revision_item.ordinal 
_pdbx_audit_revision_item.revision_ordinal 
_pdbx_audit_revision_item.data_content_type 
_pdbx_audit_revision_item.item 
1  4 'Structure model' '_atom_site.Cartn_x'                          
2  4 'Structure model' '_atom_site.Cartn_y'                          
3  4 'Structure model' '_atom_site.Cartn_z'                          
4  4 'Structure model' '_atom_site.auth_atom_id'                     
5  4 'Structure model' '_atom_site.auth_comp_id'                     
6  4 'Structure model' '_atom_site.auth_seq_id'                      
7  4 'Structure model' '_atom_site.label_asym_id'                    
8  4 'Structure model' '_atom_site.label_atom_id'                    
9  4 'Structure model' '_atom_site.label_comp_id'                    
10 4 'Structure model' '_atom_site.label_entity_id'                  
11 4 'Structure model' '_atom_site.type_symbol'                      
12 4 'Structure model' '_chem_comp.mon_nstd_flag'                    
13 4 'Structure model' '_chem_comp.name'                             
14 4 'Structure model' '_chem_comp.type'                             
15 4 'Structure model' '_pdbx_database_status.process_site'          
16 4 'Structure model' '_pdbx_struct_assembly_gen.asym_id_list'      
17 4 'Structure model' '_pdbx_struct_conn_angle.ptnr1_auth_seq_id'   
18 4 'Structure model' '_pdbx_struct_conn_angle.ptnr1_label_asym_id' 
19 4 'Structure model' '_pdbx_struct_conn_angle.ptnr2_label_asym_id' 
20 4 'Structure model' '_pdbx_struct_conn_angle.ptnr3_auth_seq_id'   
21 4 'Structure model' '_pdbx_struct_conn_angle.ptnr3_label_asym_id' 
22 4 'Structure model' '_pdbx_struct_conn_angle.value'               
23 4 'Structure model' '_struct_conn.pdbx_dist_value'                
24 4 'Structure model' '_struct_conn.pdbx_leaving_atom_flag'         
25 4 'Structure model' '_struct_conn.pdbx_value_order'               
26 4 'Structure model' '_struct_conn.ptnr1_label_asym_id'            
27 4 'Structure model' '_struct_conn.ptnr1_label_atom_id'            
28 4 'Structure model' '_struct_conn.ptnr2_auth_seq_id'              
29 4 'Structure model' '_struct_conn.ptnr2_label_asym_id'            
30 4 'Structure model' '_struct_conn.ptnr2_label_atom_id'            
31 5 'Structure model' '_chem_comp.pdbx_synonyms'                    
32 5 'Structure model' '_database_2.pdbx_DOI'                        
33 5 'Structure model' '_database_2.pdbx_database_accession'         
# 
loop_
_database_PDB_caveat.id 
_database_PDB_caveat.text 
1 'GCU A 1 HAS WRONG CHIRALITY AT ATOM C1' 
2 'GCU A 3 HAS WRONG CHIRALITY AT ATOM C1' 
# 
_pdbx_database_status.status_code                     REL 
_pdbx_database_status.entry_id                        2C4S 
_pdbx_database_status.recvd_initial_deposition_date   1978-05-23 
_pdbx_database_status.deposit_site                    ? 
_pdbx_database_status.process_site                    BNL 
_pdbx_database_status.SG_entry                        . 
_pdbx_database_status.status_code_sf                  ? 
_pdbx_database_status.status_code_mr                  ? 
_pdbx_database_status.pdb_format_compatible           Y 
_pdbx_database_status.status_code_cs                  ? 
_pdbx_database_status.status_code_nmr_data            ? 
_pdbx_database_status.methods_development_category    ? 
# 
_audit_author.name           'Arnott, S.' 
_audit_author.pdbx_ordinal   1 
# 
loop_
_citation.id 
_citation.title 
_citation.journal_abbrev 
_citation.journal_volume 
_citation.page_first 
_citation.page_last 
_citation.year 
_citation.journal_id_ASTM 
_citation.country 
_citation.journal_id_ISSN 
_citation.journal_id_CSD 
_citation.book_publisher 
_citation.pdbx_database_id_PubMed 
_citation.pdbx_database_id_DOI 
primary 'Calcium chondroitin 4-sulfate: molecular conformation and organization of polysaccharide chains in a proteoglycan.' 
J.Mol.Biol.                125 21 42 1978 JMOBAK UK 0022-2836 0070 ? 712856 '10.1016/0022-2836(78)90252-8' 
1       
;Lals, a Linked-Atom Least-Squares Reciprocal-Space Refinement System Incorporating Stereochemical Restraints to Supplement Sparse Diffraction Data
;
'Acta Crystallogr.,Sect.A' 34  3  ?  1978 ACACEQ DK 0108-7673 0621 ? ?      ?                              
# 
loop_
_citation_author.citation_id 
_citation_author.name 
_citation_author.ordinal 
_citation_author.identifier_ORCID 
primary 'Cael, J.J.'    1 ? 
primary 'Winter, W.T.'  2 ? 
primary 'Arnott, S.'    3 ? 
1       'Smith, P.J.C.' 4 ? 
1       'Arnott, S.'    5 ? 
# 
loop_
_entity.id 
_entity.type 
_entity.src_method 
_entity.pdbx_description 
_entity.formula_weight 
_entity.pdbx_number_of_molecules 
_entity.pdbx_ec 
_entity.pdbx_mutation 
_entity.pdbx_fragment 
_entity.details 
1 branched    man 
;2-acetamido-2-deoxy-4-O-sulfo-beta-D-galactopyranose-(1-4)-alpha-D-glucopyranuronic acid-(1-3)-2-acetamido-2-deoxy-4-O-sulfo-beta-D-galactopyranose-(1-4)-alpha-D-glucopyranuronic acid
;
936.774 1  ? ? ? ? 
2 non-polymer syn 'CALCIUM ION' 40.078  2  ? ? ? ? 
3 water       nat water 18.015  14 ? ? ? ? 
# 
loop_
_pdbx_entity_nonpoly.entity_id 
_pdbx_entity_nonpoly.name 
_pdbx_entity_nonpoly.comp_id 
2 'CALCIUM ION' CA  
3 water         HOH 
# 
_pdbx_entity_branch.entity_id   1 
_pdbx_entity_branch.type        oligosaccharide 
# 
loop_
_pdbx_entity_branch_descriptor.ordinal 
_pdbx_entity_branch_descriptor.entity_id 
_pdbx_entity_branch_descriptor.descriptor 
_pdbx_entity_branch_descriptor.type 
_pdbx_entity_branch_descriptor.program 
_pdbx_entity_branch_descriptor.program_version 
1 1 'DGalpNAc[4S]b1-4DGlcpAa1-3DGalpNAc[4S]b1-4DGlcpAa1-ROH'                                           'Glycam Condensed Sequence' 
GMML       1.0   
2 1 'WURCS=2.0/2,4,3/[a2122A-1a_1-5][a2112h-1b_1-5_2*NCC/3=O_4*OSO/3=O/3=O]/1-2-1-2/a4-b1_b3-c1_c4-d1' WURCS                       
PDB2Glycan 1.1.0 
3 1 '[][b-D-GlcpA]{[(4+1)][b-D-GalpNAc4SO3]{[(3+1)][b-D-GlcpA]{[(4+1)][b-D-3-deoxy-GalpNAc4SO3]{}}}}'  LINUCS                      
PDB-CARE   ?     
# 
loop_
_pdbx_entity_branch_link.link_id 
_pdbx_entity_branch_link.entity_id 
_pdbx_entity_branch_link.entity_branch_list_num_1 
_pdbx_entity_branch_link.comp_id_1 
_pdbx_entity_branch_link.atom_id_1 
_pdbx_entity_branch_link.leaving_atom_id_1 
_pdbx_entity_branch_link.entity_branch_list_num_2 
_pdbx_entity_branch_link.comp_id_2 
_pdbx_entity_branch_link.atom_id_2 
_pdbx_entity_branch_link.leaving_atom_id_2 
_pdbx_entity_branch_link.value_order 
_pdbx_entity_branch_link.details 
1 1 2 ASG C1 O1 1 GCU O4 HO4 sing ? 
2 1 3 GCU C1 O1 2 ASG O3 HO3 sing ? 
3 1 4 ASG C1 O1 3 GCU O4 HO4 sing ? 
# 
loop_
_chem_comp.id 
_chem_comp.type 
_chem_comp.mon_nstd_flag 
_chem_comp.name 
_chem_comp.pdbx_synonyms 
_chem_comp.formula 
_chem_comp.formula_weight 
ASG 'D-saccharide, beta linking'  n 2-acetamido-2-deoxy-4-O-sulfo-beta-D-galactopyranose 
;2-DEOXY-2-ACETAMIDO-BETA-D-GALACTOSE-4-SULFATE; N-acetyl-4-O-sulfo-beta-D-galactosamine; 2-acetamido-2-deoxy-4-O-sulfo-beta-D-galactose; 2-acetamido-2-deoxy-4-O-sulfo-D-galactose; 2-acetamido-2-deoxy-4-O-sulfo-galactose
;
'C8 H15 N O9 S' 301.271 
CA  non-polymer                   . 'CALCIUM ION'                                        ? 'Ca 2'          40.078  
GCU 'D-saccharide, alpha linking' . 'alpha-D-glucopyranuronic acid'                      
'alpha-D-glucuronic acid; D-glucuronic acid; glucuronic acid' 'C6 H10 O7'     194.139 
HOH non-polymer                   . WATER                                                ? 'H2 O'          18.015  
# 
loop_
_pdbx_chem_comp_identifier.comp_id 
_pdbx_chem_comp_identifier.type 
_pdbx_chem_comp_identifier.program 
_pdbx_chem_comp_identifier.program_version 
_pdbx_chem_comp_identifier.identifier 
ASG 'CONDENSED IUPAC CARBOHYDRATE SYMBOL' GMML     1.0 'DGalpNAc[4S]b'                      
ASG 'COMMON NAME'                         GMML     1.0 N-acetyl-4-sulfo-b-D-galactopyranose 
ASG 'IUPAC CARBOHYDRATE SYMBOL'           PDB-CARE 1.0 b-D-GalpNAc4SO3                      
GCU 'CONDENSED IUPAC CARBOHYDRATE SYMBOL' GMML     1.0 DGlcpAa                              
GCU 'COMMON NAME'                         GMML     1.0 'a-D-glucopyranuronic acid'          
GCU 'IUPAC CARBOHYDRATE SYMBOL'           PDB-CARE 1.0 a-D-GlcpA                            
GCU 'SNFG CARBOHYDRATE SYMBOL'            GMML     1.0 GlcA                                 
# 
loop_
_pdbx_branch_scheme.asym_id 
_pdbx_branch_scheme.entity_id 
_pdbx_branch_scheme.mon_id 
_pdbx_branch_scheme.num 
_pdbx_branch_scheme.pdb_asym_id 
_pdbx_branch_scheme.pdb_mon_id 
_pdbx_branch_scheme.pdb_seq_num 
_pdbx_branch_scheme.auth_asym_id 
_pdbx_branch_scheme.auth_mon_id 
_pdbx_branch_scheme.auth_seq_num 
_pdbx_branch_scheme.hetero 
A 1 GCU 1 A GCU 1 A GCU 1 n 
A 1 ASG 2 A ASG 2 A ASG 2 n 
A 1 GCU 3 A GCU 3 A GCU 3 n 
A 1 ASG 4 A ASG 4 A ASG 4 n 
# 
loop_
_pdbx_nonpoly_scheme.asym_id 
_pdbx_nonpoly_scheme.entity_id 
_pdbx_nonpoly_scheme.mon_id 
_pdbx_nonpoly_scheme.ndb_seq_num 
_pdbx_nonpoly_scheme.pdb_seq_num 
_pdbx_nonpoly_scheme.auth_seq_num 
_pdbx_nonpoly_scheme.pdb_mon_id 
_pdbx_nonpoly_scheme.auth_mon_id 
_pdbx_nonpoly_scheme.pdb_strand_id 
_pdbx_nonpoly_scheme.pdb_ins_code 
B 2 CA  1  5  5  CA  CA  A . 
C 2 CA  1  6  6  CA  CA  A . 
D 3 HOH 1  10 10 HOH HOH A . 
D 3 HOH 2  11 11 HOH HOH A . 
D 3 HOH 3  12 12 HOH HOH A . 
D 3 HOH 4  13 13 HOH HOH A . 
D 3 HOH 5  14 14 HOH HOH A . 
D 3 HOH 6  15 15 HOH HOH A . 
D 3 HOH 7  16 16 HOH HOH A . 
D 3 HOH 8  17 17 HOH HOH A . 
D 3 HOH 9  18 18 HOH HOH A . 
D 3 HOH 10 19 19 HOH HOH A . 
D 3 HOH 11 20 20 HOH HOH A . 
D 3 HOH 12 21 21 HOH HOH A . 
D 3 HOH 13 22 22 HOH HOH A . 
D 3 HOH 14 23 23 HOH HOH A . 
# 
_pdbx_unobs_or_zero_occ_atoms.id               1 
_pdbx_unobs_or_zero_occ_atoms.PDB_model_num    1 
_pdbx_unobs_or_zero_occ_atoms.polymer_flag     N 
_pdbx_unobs_or_zero_occ_atoms.occupancy_flag   1 
_pdbx_unobs_or_zero_occ_atoms.auth_asym_id     A 
_pdbx_unobs_or_zero_occ_atoms.auth_comp_id     ASG 
_pdbx_unobs_or_zero_occ_atoms.auth_seq_id      4 
_pdbx_unobs_or_zero_occ_atoms.PDB_ins_code     ? 
_pdbx_unobs_or_zero_occ_atoms.auth_atom_id     O3 
_pdbx_unobs_or_zero_occ_atoms.label_alt_id     ? 
_pdbx_unobs_or_zero_occ_atoms.label_asym_id    A 
_pdbx_unobs_or_zero_occ_atoms.label_comp_id    ASG 
_pdbx_unobs_or_zero_occ_atoms.label_seq_id     4 
_pdbx_unobs_or_zero_occ_atoms.label_atom_id    O3 
# 
loop_
_software.name 
_software.classification 
_software.version 
_software.citation_id 
_software.pdbx_ordinal 
LINKED-ATOM refinement 'LEAST-SQUARES MODEL-BUILDING PROCEDURE' ? 1 
LALS        refinement .                                        ? 2 
# 
_cell.entry_id           2C4S 
_cell.length_a           7.450 
_cell.length_b           17.810 
_cell.length_c           19.640 
_cell.angle_alpha        90.00 
_cell.angle_beta         90.00 
_cell.angle_gamma        90.00 
_cell.Z_PDB              4 
_cell.pdbx_unique_axis   ? 
_cell.length_a_esd       ? 
_cell.length_b_esd       ? 
_cell.length_c_esd       ? 
_cell.angle_alpha_esd    ? 
_cell.angle_beta_esd     ? 
_cell.angle_gamma_esd    ? 
# 
_symmetry.entry_id                         2C4S 
_symmetry.space_group_name_H-M             'P 2 21 21' 
_symmetry.pdbx_full_space_group_name_H-M   ? 
_symmetry.cell_setting                     ? 
_symmetry.Int_Tables_number                18 
_symmetry.space_group_name_Hall            ? 
# 
_exptl.entry_id          2C4S 
_exptl.method            'FIBER DIFFRACTION' 
_exptl.crystals_number   ? 
# 
_exptl_crystal.id                    1 
_exptl_crystal.density_meas          ? 
_exptl_crystal.density_Matthews      ? 
_exptl_crystal.density_percent_sol   ? 
_exptl_crystal.description           ? 
_exptl_crystal.F_000                 ? 
_exptl_crystal.preparation           ? 
# 
_diffrn.id                     1 
_diffrn.ambient_temp           ? 
_diffrn.ambient_temp_details   ? 
_diffrn.crystal_id             1 
# 
_diffrn_radiation.diffrn_id                        1 
_diffrn_radiation.wavelength_id                    1 
_diffrn_radiation.monochromator                    ? 
_diffrn_radiation.pdbx_monochromatic_or_laue_m_l   ? 
_diffrn_radiation.pdbx_diffrn_protocol             ? 
_diffrn_radiation.pdbx_scattering_type             ? 
# 
_diffrn_radiation_wavelength.id           1 
_diffrn_radiation_wavelength.wavelength   . 
_diffrn_radiation_wavelength.wt           1.0 
# 
_refine.entry_id                                 2C4S 
_refine.ls_number_reflns_obs                     ? 
_refine.ls_number_reflns_all                     ? 
_refine.pdbx_ls_sigma_I                          ? 
_refine.pdbx_ls_sigma_F                          ? 
_refine.pdbx_data_cutoff_high_absF               ? 
_refine.pdbx_data_cutoff_low_absF                ? 
_refine.pdbx_data_cutoff_high_rms_absF           ? 
_refine.ls_d_res_low                             . 
_refine.ls_d_res_high                            3.0 
_refine.ls_percent_reflns_obs                    ? 
_refine.ls_R_factor_obs                          ? 
_refine.ls_R_factor_all                          ? 
_refine.ls_R_factor_R_work                       ? 
_refine.ls_R_factor_R_free                       ? 
_refine.ls_R_factor_R_free_error                 ? 
_refine.ls_R_factor_R_free_error_details         ? 
_refine.ls_percent_reflns_R_free                 ? 
_refine.ls_number_reflns_R_free                  ? 
_refine.ls_number_parameters                     ? 
_refine.ls_number_restraints                     ? 
_refine.occupancy_min                            ? 
_refine.occupancy_max                            ? 
_refine.B_iso_mean                               ? 
_refine.aniso_B[1][1]                            ? 
_refine.aniso_B[2][2]                            ? 
_refine.aniso_B[3][3]                            ? 
_refine.aniso_B[1][2]                            ? 
_refine.aniso_B[1][3]                            ? 
_refine.aniso_B[2][3]                            ? 
_refine.solvent_model_details                    ? 
_refine.solvent_model_param_ksol                 ? 
_refine.solvent_model_param_bsol                 ? 
_refine.pdbx_ls_cross_valid_method               ? 
_refine.details                                  
;THE SPACE GROUP CHOSEN FOR THIS STUDY WAS P 2 21 21 WHICH
IS A NON-STANDARD REPRESENTATION OF P 21 21 2.  IN THIS
FORMER GROUP THE EQUIPOINTS ARE X,Y,Z  X,-Y,-Z  -X,1/2-Y,
1/2+Z AND -X,1/2+Y,1/2-Z.
;
_refine.pdbx_starting_model                      ? 
_refine.pdbx_method_to_determine_struct          ? 
_refine.pdbx_isotropic_thermal_model             ? 
_refine.pdbx_stereochemistry_target_values       ? 
_refine.pdbx_stereochem_target_val_spec_case     ? 
_refine.pdbx_R_Free_selection_details            ? 
_refine.pdbx_overall_ESU_R                       ? 
_refine.pdbx_overall_ESU_R_Free                  ? 
_refine.overall_SU_ML                            ? 
_refine.overall_SU_B                             ? 
_refine.pdbx_refine_id                           'FIBER DIFFRACTION' 
_refine.ls_redundancy_reflns_obs                 ? 
_refine.pdbx_overall_phase_error                 ? 
_refine.B_iso_min                                ? 
_refine.B_iso_max                                ? 
_refine.correlation_coeff_Fo_to_Fc               ? 
_refine.correlation_coeff_Fo_to_Fc_free          ? 
_refine.pdbx_solvent_vdw_probe_radii             ? 
_refine.pdbx_solvent_ion_probe_radii             ? 
_refine.pdbx_solvent_shrinkage_radii             ? 
_refine.overall_SU_R_Cruickshank_DPI             ? 
_refine.overall_SU_R_free                        ? 
_refine.ls_wR_factor_R_free                      ? 
_refine.ls_wR_factor_R_work                      ? 
_refine.overall_FOM_free_R_set                   ? 
_refine.overall_FOM_work_R_set                   ? 
_refine.pdbx_diffrn_id                           1 
_refine.pdbx_TLS_residual_ADP_flag               ? 
_refine.pdbx_overall_SU_R_free_Cruickshank_DPI   ? 
_refine.pdbx_overall_SU_R_Blow_DPI               ? 
_refine.pdbx_overall_SU_R_free_Blow_DPI          ? 
# 
_refine_hist.pdbx_refine_id                   'FIBER DIFFRACTION' 
_refine_hist.cycle_id                         LAST 
_refine_hist.pdbx_number_atoms_protein        0 
_refine_hist.pdbx_number_atoms_nucleic_acid   0 
_refine_hist.pdbx_number_atoms_ligand         62 
_refine_hist.number_atoms_solvent             14 
_refine_hist.number_atoms_total               76 
_refine_hist.d_res_high                       3.0 
_refine_hist.d_res_low                        . 
# 
_struct.entry_id                  2C4S 
_struct.title                     
'CALCIUM CHONDROITIN 4-SULFATE. MOLECULAR CONFORMATION AND ORGANIZATION OF POLYSACCHARIDE CHAINS IN A PROTEOGLYCAN' 
_struct.pdbx_model_details        ? 
_struct.pdbx_CASP_flag            ? 
_struct.pdbx_model_type_details   ? 
# 
_struct_keywords.entry_id        2C4S 
_struct_keywords.pdbx_keywords   'TEXTURE OF CONNECTIVE TISSUE' 
_struct_keywords.text            'TEXTURE OF CONNECTIVE TISSUE' 
# 
loop_
_struct_asym.id 
_struct_asym.pdbx_blank_PDB_chainid_flag 
_struct_asym.pdbx_modified 
_struct_asym.entity_id 
_struct_asym.details 
A N N 1 ? 
B N N 2 ? 
C N N 2 ? 
D N N 3 ? 
# 
_pdbx_struct_assembly.id                   1 
_pdbx_struct_assembly.details              author_defined_assembly 
_pdbx_struct_assembly.method_details       ? 
_pdbx_struct_assembly.oligomeric_details   monomeric 
_pdbx_struct_assembly.oligomeric_count     1 
# 
_pdbx_struct_assembly_gen.assembly_id       1 
_pdbx_struct_assembly_gen.oper_expression   1 
_pdbx_struct_assembly_gen.asym_id_list      A,B,C,D 
# 
_pdbx_struct_oper_list.id                   1 
_pdbx_struct_oper_list.type                 'identity operation' 
_pdbx_struct_oper_list.name                 1_555 
_pdbx_struct_oper_list.symmetry_operation   x,y,z 
_pdbx_struct_oper_list.matrix[1][1]         1.0000000000 
_pdbx_struct_oper_list.matrix[1][2]         0.0000000000 
_pdbx_struct_oper_list.matrix[1][3]         0.0000000000 
_pdbx_struct_oper_list.vector[1]            0.0000000000 
_pdbx_struct_oper_list.matrix[2][1]         0.0000000000 
_pdbx_struct_oper_list.matrix[2][2]         1.0000000000 
_pdbx_struct_oper_list.matrix[2][3]         0.0000000000 
_pdbx_struct_oper_list.vector[2]            0.0000000000 
_pdbx_struct_oper_list.matrix[3][1]         0.0000000000 
_pdbx_struct_oper_list.matrix[3][2]         0.0000000000 
_pdbx_struct_oper_list.matrix[3][3]         1.0000000000 
_pdbx_struct_oper_list.vector[3]            0.0000000000 
# 
_struct_biol.id                    1 
_struct_biol.details               
;THE FOUR-RESIDUE CHAIN SEGMENT GIVEN HERE WAS OBTAINED FROM
THE PUBLISHED COORDINATES FOR A TWO-RESIDUE FRAGMENT BY THE
ACTION OF A 21 SCREW AXIS AS DEFINED IN THE PAPER CITED IN
THE JRNL RECORDS ABOVE.
;
_struct_biol.pdbx_parent_biol_id   ? 
# 
loop_
_struct_conn.id 
_struct_conn.conn_type_id 
_struct_conn.pdbx_leaving_atom_flag 
_struct_conn.pdbx_PDB_id 
_struct_conn.ptnr1_label_asym_id 
_struct_conn.ptnr1_label_comp_id 
_struct_conn.ptnr1_label_seq_id 
_struct_conn.ptnr1_label_atom_id 
_struct_conn.pdbx_ptnr1_label_alt_id 
_struct_conn.pdbx_ptnr1_PDB_ins_code 
_struct_conn.pdbx_ptnr1_standard_comp_id 
_struct_conn.ptnr1_symmetry 
_struct_conn.ptnr2_label_asym_id 
_struct_conn.ptnr2_label_comp_id 
_struct_conn.ptnr2_label_seq_id 
_struct_conn.ptnr2_label_atom_id 
_struct_conn.pdbx_ptnr2_label_alt_id 
_struct_conn.pdbx_ptnr2_PDB_ins_code 
_struct_conn.ptnr1_auth_asym_id 
_struct_conn.ptnr1_auth_comp_id 
_struct_conn.ptnr1_auth_seq_id 
_struct_conn.ptnr2_auth_asym_id 
_struct_conn.ptnr2_auth_comp_id 
_struct_conn.ptnr2_auth_seq_id 
_struct_conn.ptnr2_symmetry 
_struct_conn.pdbx_ptnr3_label_atom_id 
_struct_conn.pdbx_ptnr3_label_seq_id 
_struct_conn.pdbx_ptnr3_label_comp_id 
_struct_conn.pdbx_ptnr3_label_asym_id 
_struct_conn.pdbx_ptnr3_label_alt_id 
_struct_conn.pdbx_ptnr3_PDB_ins_code 
_struct_conn.details 
_struct_conn.pdbx_dist_value 
_struct_conn.pdbx_value_order 
_struct_conn.pdbx_role 
covale1  covale both ? A GCU . O4  ? ? ? 1_555 A ASG . C1 ? ? A GCU 1 A ASG 2  1_555 ? ? ? ? ? ? ? 1.388 sing ? 
covale2  covale both ? A ASG . O3  ? ? ? 1_555 A GCU . C1 ? ? A ASG 2 A GCU 3  1_555 ? ? ? ? ? ? ? 1.387 sing ? 
covale3  covale both ? A GCU . O4  ? ? ? 1_555 A ASG . C1 ? ? A GCU 3 A ASG 4  1_555 ? ? ? ? ? ? ? 1.388 sing ? 
metalc1  metalc ?    ? A GCU . O6B ? ? ? 1_555 B CA  . CA ? ? A GCU 1 A CA  5  1_555 ? ? ? ? ? ? ? 2.639 ?    ? 
metalc2  metalc ?    ? A ASG . OSB ? ? ? 1_555 C CA  . CA ? ? A ASG 2 A CA  6  1_555 ? ? ? ? ? ? ? 2.545 ?    ? 
metalc3  metalc ?    ? A GCU . O6B ? ? ? 1_555 C CA  . CA ? ? A GCU 3 A CA  6  1_555 ? ? ? ? ? ? ? 2.639 ?    ? 
metalc4  metalc ?    ? B CA  . CA  ? ? ? 1_555 D HOH . O  ? ? A CA  5 A HOH 10 1_555 ? ? ? ? ? ? ? 2.484 ?    ? 
metalc5  metalc ?    ? B CA  . CA  ? ? ? 1_555 D HOH . O  ? ? A CA  5 A HOH 11 1_555 ? ? ? ? ? ? ? 2.498 ?    ? 
metalc6  metalc ?    ? B CA  . CA  ? ? ? 1_555 D HOH . O  ? ? A CA  5 A HOH 12 1_555 ? ? ? ? ? ? ? 2.477 ?    ? 
metalc7  metalc ?    ? B CA  . CA  ? ? ? 1_555 D HOH . O  ? ? A CA  5 A HOH 14 1_555 ? ? ? ? ? ? ? 2.606 ?    ? 
metalc8  metalc ?    ? C CA  . CA  ? ? ? 1_555 D HOH . O  ? ? A CA  6 A HOH 17 1_555 ? ? ? ? ? ? ? 2.484 ?    ? 
metalc9  metalc ?    ? C CA  . CA  ? ? ? 1_555 D HOH . O  ? ? A CA  6 A HOH 18 1_555 ? ? ? ? ? ? ? 2.498 ?    ? 
metalc10 metalc ?    ? C CA  . CA  ? ? ? 1_555 D HOH . O  ? ? A CA  6 A HOH 19 1_555 ? ? ? ? ? ? ? 2.477 ?    ? 
metalc11 metalc ?    ? C CA  . CA  ? ? ? 1_555 D HOH . O  ? ? A CA  6 A HOH 21 1_555 ? ? ? ? ? ? ? 2.606 ?    ? 
# 
loop_
_struct_conn_type.id 
_struct_conn_type.criteria 
_struct_conn_type.reference 
covale ? ? 
metalc ? ? 
# 
loop_
_pdbx_struct_conn_angle.id 
_pdbx_struct_conn_angle.ptnr1_label_atom_id 
_pdbx_struct_conn_angle.ptnr1_label_alt_id 
_pdbx_struct_conn_angle.ptnr1_label_asym_id 
_pdbx_struct_conn_angle.ptnr1_label_comp_id 
_pdbx_struct_conn_angle.ptnr1_label_seq_id 
_pdbx_struct_conn_angle.ptnr1_auth_atom_id 
_pdbx_struct_conn_angle.ptnr1_auth_asym_id 
_pdbx_struct_conn_angle.ptnr1_auth_comp_id 
_pdbx_struct_conn_angle.ptnr1_auth_seq_id 
_pdbx_struct_conn_angle.ptnr1_PDB_ins_code 
_pdbx_struct_conn_angle.ptnr1_symmetry 
_pdbx_struct_conn_angle.ptnr2_label_atom_id 
_pdbx_struct_conn_angle.ptnr2_label_alt_id 
_pdbx_struct_conn_angle.ptnr2_label_asym_id 
_pdbx_struct_conn_angle.ptnr2_label_comp_id 
_pdbx_struct_conn_angle.ptnr2_label_seq_id 
_pdbx_struct_conn_angle.ptnr2_auth_atom_id 
_pdbx_struct_conn_angle.ptnr2_auth_asym_id 
_pdbx_struct_conn_angle.ptnr2_auth_comp_id 
_pdbx_struct_conn_angle.ptnr2_auth_seq_id 
_pdbx_struct_conn_angle.ptnr2_PDB_ins_code 
_pdbx_struct_conn_angle.ptnr2_symmetry 
_pdbx_struct_conn_angle.ptnr3_label_atom_id 
_pdbx_struct_conn_angle.ptnr3_label_alt_id 
_pdbx_struct_conn_angle.ptnr3_label_asym_id 
_pdbx_struct_conn_angle.ptnr3_label_comp_id 
_pdbx_struct_conn_angle.ptnr3_label_seq_id 
_pdbx_struct_conn_angle.ptnr3_auth_atom_id 
_pdbx_struct_conn_angle.ptnr3_auth_asym_id 
_pdbx_struct_conn_angle.ptnr3_auth_comp_id 
_pdbx_struct_conn_angle.ptnr3_auth_seq_id 
_pdbx_struct_conn_angle.ptnr3_PDB_ins_code 
_pdbx_struct_conn_angle.ptnr3_symmetry 
_pdbx_struct_conn_angle.value 
_pdbx_struct_conn_angle.value_esd 
1  O6B ? A GCU . ? A GCU 1  ? 1_555 CA ? B CA . ? A CA 5 ? 1_555 O   ? D HOH . ? A HOH 10 ? 1_555 102.6 ? 
2  O6B ? A GCU . ? A GCU 1  ? 1_555 CA ? B CA . ? A CA 5 ? 1_555 O   ? D HOH . ? A HOH 11 ? 1_555 118.4 ? 
3  O   ? D HOH . ? A HOH 10 ? 1_555 CA ? B CA . ? A CA 5 ? 1_555 O   ? D HOH . ? A HOH 11 ? 1_555 118.5 ? 
4  O6B ? A GCU . ? A GCU 1  ? 1_555 CA ? B CA . ? A CA 5 ? 1_555 O   ? D HOH . ? A HOH 12 ? 1_555 88.2  ? 
5  O   ? D HOH . ? A HOH 10 ? 1_555 CA ? B CA . ? A CA 5 ? 1_555 O   ? D HOH . ? A HOH 12 ? 1_555 65.0  ? 
6  O   ? D HOH . ? A HOH 11 ? 1_555 CA ? B CA . ? A CA 5 ? 1_555 O   ? D HOH . ? A HOH 12 ? 1_555 149.1 ? 
7  O6B ? A GCU . ? A GCU 1  ? 1_555 CA ? B CA . ? A CA 5 ? 1_555 O   ? D HOH . ? A HOH 14 ? 1_555 58.8  ? 
8  O   ? D HOH . ? A HOH 10 ? 1_555 CA ? B CA . ? A CA 5 ? 1_555 O   ? D HOH . ? A HOH 14 ? 1_555 149.9 ? 
9  O   ? D HOH . ? A HOH 11 ? 1_555 CA ? B CA . ? A CA 5 ? 1_555 O   ? D HOH . ? A HOH 14 ? 1_555 63.2  ? 
10 O   ? D HOH . ? A HOH 12 ? 1_555 CA ? B CA . ? A CA 5 ? 1_555 O   ? D HOH . ? A HOH 14 ? 1_555 130.9 ? 
11 OSB ? A ASG . ? A ASG 2  ? 1_555 CA ? C CA . ? A CA 6 ? 1_555 O6B ? A GCU . ? A GCU 3  ? 1_555 71.0  ? 
12 OSB ? A ASG . ? A ASG 2  ? 1_555 CA ? C CA . ? A CA 6 ? 1_555 O   ? D HOH . ? A HOH 17 ? 1_555 90.2  ? 
13 O6B ? A GCU . ? A GCU 3  ? 1_555 CA ? C CA . ? A CA 6 ? 1_555 O   ? D HOH . ? A HOH 17 ? 1_555 102.6 ? 
14 OSB ? A ASG . ? A ASG 2  ? 1_555 CA ? C CA . ? A CA 6 ? 1_555 O   ? D HOH . ? A HOH 18 ? 1_555 65.6  ? 
15 O6B ? A GCU . ? A GCU 3  ? 1_555 CA ? C CA . ? A CA 6 ? 1_555 O   ? D HOH . ? A HOH 18 ? 1_555 118.4 ? 
16 O   ? D HOH . ? A HOH 17 ? 1_555 CA ? C CA . ? A CA 6 ? 1_555 O   ? D HOH . ? A HOH 18 ? 1_555 118.5 ? 
17 OSB ? A ASG . ? A ASG 2  ? 1_555 CA ? C CA . ? A CA 6 ? 1_555 O   ? D HOH . ? A HOH 19 ? 1_555 143.6 ? 
18 O6B ? A GCU . ? A GCU 3  ? 1_555 CA ? C CA . ? A CA 6 ? 1_555 O   ? D HOH . ? A HOH 19 ? 1_555 88.2  ? 
19 O   ? D HOH . ? A HOH 17 ? 1_555 CA ? C CA . ? A CA 6 ? 1_555 O   ? D HOH . ? A HOH 19 ? 1_555 65.0  ? 
20 O   ? D HOH . ? A HOH 18 ? 1_555 CA ? C CA . ? A CA 6 ? 1_555 O   ? D HOH . ? A HOH 19 ? 1_555 149.1 ? 
21 OSB ? A ASG . ? A ASG 2  ? 1_555 CA ? C CA . ? A CA 6 ? 1_555 O   ? D HOH . ? A HOH 21 ? 1_555 62.4  ? 
22 O6B ? A GCU . ? A GCU 3  ? 1_555 CA ? C CA . ? A CA 6 ? 1_555 O   ? D HOH . ? A HOH 21 ? 1_555 58.8  ? 
23 O   ? D HOH . ? A HOH 17 ? 1_555 CA ? C CA . ? A CA 6 ? 1_555 O   ? D HOH . ? A HOH 21 ? 1_555 149.9 ? 
24 O   ? D HOH . ? A HOH 18 ? 1_555 CA ? C CA . ? A CA 6 ? 1_555 O   ? D HOH . ? A HOH 21 ? 1_555 63.2  ? 
25 O   ? D HOH . ? A HOH 19 ? 1_555 CA ? C CA . ? A CA 6 ? 1_555 O   ? D HOH . ? A HOH 21 ? 1_555 130.9 ? 
# 
loop_
_pdbx_validate_symm_contact.id 
_pdbx_validate_symm_contact.PDB_model_num 
_pdbx_validate_symm_contact.auth_atom_id_1 
_pdbx_validate_symm_contact.auth_asym_id_1 
_pdbx_validate_symm_contact.auth_comp_id_1 
_pdbx_validate_symm_contact.auth_seq_id_1 
_pdbx_validate_symm_contact.PDB_ins_code_1 
_pdbx_validate_symm_contact.label_alt_id_1 
_pdbx_validate_symm_contact.site_symmetry_1 
_pdbx_validate_symm_contact.auth_atom_id_2 
_pdbx_validate_symm_contact.auth_asym_id_2 
_pdbx_validate_symm_contact.auth_comp_id_2 
_pdbx_validate_symm_contact.auth_seq_id_2 
_pdbx_validate_symm_contact.PDB_ins_code_2 
_pdbx_validate_symm_contact.label_alt_id_2 
_pdbx_validate_symm_contact.site_symmetry_2 
_pdbx_validate_symm_contact.dist 
1   1 H5  A ASG 2  ? ? 1_555 O2  A GCU 3  ? ? 2_556 0.45 
2   1 O2  A GCU 1  ? ? 1_555 H5  A ASG 4  ? ? 2_556 0.45 
3   1 C3  A ASG 2  ? ? 1_555 O3  A ASG 2  ? ? 2_556 0.58 
4   1 O1  A GCU 1  ? ? 1_555 C3  A ASG 4  ? ? 2_556 0.58 
5   1 O5  A ASG 2  ? ? 1_555 H2  A GCU 3  ? ? 2_556 0.62 
6   1 H2  A GCU 1  ? ? 1_555 O5  A ASG 4  ? ? 2_556 0.62 
7   1 O4  A ASG 4  ? ? 1_555 O   A HOH 22 ? ? 3_556 0.62 
8   1 O4  A ASG 2  ? ? 1_555 O   A HOH 15 ? ? 3_545 0.62 
9   1 H62 A ASG 2  ? ? 1_555 O   A HOH 14 ? ? 3_545 0.66 
10  1 H62 A ASG 4  ? ? 1_555 O   A HOH 21 ? ? 3_556 0.66 
11  1 C1  A GCU 1  ? ? 1_555 C2  A ASG 4  ? ? 2_556 0.71 
12  1 C2  A ASG 2  ? ? 1_555 C1  A GCU 3  ? ? 2_556 0.71 
13  1 C5  A ASG 2  ? ? 1_555 O2  A GCU 3  ? ? 2_556 0.76 
14  1 O2  A GCU 1  ? ? 1_555 C5  A ASG 4  ? ? 2_556 0.76 
15  1 C4  A GCU 1  ? ? 1_555 C4  A GCU 3  ? ? 2_556 0.77 
16  1 H4  A GCU 1  ? ? 1_555 O4  A GCU 3  ? ? 2_556 0.78 
17  1 O4  A GCU 1  ? ? 1_555 H4  A GCU 3  ? ? 2_556 0.78 
18  1 O7  A ASG 2  ? ? 1_555 H4  A ASG 2  ? ? 2_556 0.80 
19  1 O7  A ASG 4  ? ? 1_555 H4  A ASG 4  ? ? 2_557 0.80 
20  1 C4  A GCU 1  ? ? 1_555 O4  A GCU 3  ? ? 2_556 0.82 
21  1 O4  A GCU 1  ? ? 1_555 C4  A GCU 3  ? ? 2_556 0.82 
22  1 O3  A GCU 1  ? ? 1_555 O3  A GCU 3  ? ? 2_556 0.82 
23  1 O5  A ASG 2  ? ? 1_555 C2  A GCU 3  ? ? 2_556 0.93 
24  1 C2  A GCU 1  ? ? 1_555 O5  A ASG 4  ? ? 2_556 0.93 
25  1 C2  A GCU 1  ? ? 1_555 C1  A ASG 4  ? ? 2_556 0.94 
26  1 C1  A ASG 2  ? ? 1_555 C2  A GCU 3  ? ? 2_556 0.94 
27  1 N2  A ASG 2  ? ? 1_555 O5  A GCU 3  ? ? 2_556 0.95 
28  1 O5  A GCU 1  ? ? 1_555 N2  A ASG 4  ? ? 2_556 0.95 
29  1 C6  A ASG 4  ? ? 1_555 O   A HOH 21 ? ? 3_556 0.96 
30  1 C6  A ASG 2  ? ? 1_555 O   A HOH 14 ? ? 3_545 0.96 
31  1 O5  A GCU 1  ? ? 1_555 C2  A ASG 4  ? ? 2_556 1.00 
32  1 C2  A ASG 2  ? ? 1_555 O5  A GCU 3  ? ? 2_556 1.00 
33  1 H1  A ASG 2  ? ? 1_555 C3  A GCU 3  ? ? 2_556 1.06 
34  1 C3  A GCU 1  ? ? 1_555 H1  A ASG 4  ? ? 2_556 1.06 
35  1 H1  A ASG 2  ? ? 1_555 H3  A GCU 3  ? ? 2_556 1.09 
36  1 H3  A GCU 1  ? ? 1_555 H1  A ASG 4  ? ? 2_556 1.09 
37  1 CA  A CA  5  ? ? 1_555 O   A HOH 19 ? ? 2_656 1.18 
38  1 CA  A CA  6  ? ? 1_555 O   A HOH 12 ? ? 2_456 1.18 
39  1 O1  A GCU 1  ? ? 1_555 O1  A GCU 1  ? ? 2_555 1.20 
40  1 O3  A ASG 2  ? ? 1_555 O3  A ASG 2  ? ? 2_556 1.21 
41  1 H1  A GCU 1  ? ? 1_555 H3  A ASG 4  ? ? 2_556 1.23 
42  1 H3  A ASG 2  ? ? 1_555 H1  A GCU 3  ? ? 2_556 1.23 
43  1 C1  A GCU 1  ? ? 1_555 C3  A ASG 4  ? ? 2_556 1.25 
44  1 C3  A ASG 2  ? ? 1_555 C1  A GCU 3  ? ? 2_556 1.25 
45  1 C3  A GCU 1  ? ? 1_555 C1  A ASG 4  ? ? 2_556 1.27 
46  1 C1  A ASG 2  ? ? 1_555 C3  A GCU 3  ? ? 2_556 1.27 
47  1 C4  A GCU 1  ? ? 1_555 H4  A GCU 3  ? ? 2_556 1.27 
48  1 H4  A GCU 1  ? ? 1_555 C4  A GCU 3  ? ? 2_556 1.27 
49  1 HN2 A ASG 2  ? ? 1_555 H5  A GCU 3  ? ? 2_556 1.29 
50  1 H5  A GCU 1  ? ? 1_555 HN2 A ASG 4  ? ? 2_556 1.29 
51  1 O6B A GCU 3  ? ? 1_555 O6  A ASG 4  ? ? 3_546 1.32 
52  1 O6B A GCU 1  ? ? 1_555 O6  A ASG 2  ? ? 3_555 1.32 
53  1 O4  A ASG 4  ? ? 1_555 O   A HOH 16 ? ? 2_556 1.33 
54  1 O4  A ASG 2  ? ? 1_555 O   A HOH 23 ? ? 2_556 1.33 
55  1 H82 A ASG 4  ? ? 1_555 O   A HOH 11 ? ? 2_456 1.34 
56  1 H82 A ASG 2  ? ? 1_555 O   A HOH 18 ? ? 2_656 1.34 
57  1 OSC A ASG 2  ? ? 1_555 O   A HOH 23 ? ? 2_556 1.36 
58  1 OSC A ASG 4  ? ? 1_555 O   A HOH 16 ? ? 2_556 1.36 
59  1 C2  A ASG 2  ? ? 1_555 O3  A ASG 2  ? ? 2_556 1.37 
60  1 O1  A GCU 1  ? ? 1_555 C2  A ASG 4  ? ? 2_556 1.37 
61  1 C2  A GCU 1  ? ? 1_555 H1  A ASG 4  ? ? 2_556 1.37 
62  1 H1  A ASG 2  ? ? 1_555 C2  A GCU 3  ? ? 2_556 1.37 
63  1 S   A ASG 2  ? ? 1_555 O   A HOH 23 ? ? 2_556 1.38 
64  1 S   A ASG 4  ? ? 1_555 O   A HOH 16 ? ? 2_556 1.38 
65  1 O6A A GCU 1  ? ? 1_555 O6B A GCU 3  ? ? 2_556 1.42 
66  1 O6B A GCU 1  ? ? 1_555 O6A A GCU 3  ? ? 2_556 1.42 
67  1 C4  A ASG 4  ? ? 1_555 O   A HOH 22 ? ? 3_556 1.42 
68  1 C4  A ASG 2  ? ? 1_555 O   A HOH 15 ? ? 3_545 1.42 
69  1 O   A HOH 10 ? ? 1_555 O   A HOH 19 ? ? 2_656 1.42 
70  1 O   A HOH 12 ? ? 1_555 O   A HOH 17 ? ? 2_656 1.42 
71  1 C1  A ASG 2  ? ? 1_555 C1  A GCU 3  ? ? 2_556 1.44 
72  1 C1  A GCU 1  ? ? 1_555 C1  A ASG 4  ? ? 2_556 1.44 
73  1 C5  A ASG 2  ? ? 1_555 C2  A GCU 3  ? ? 2_556 1.45 
74  1 C2  A GCU 1  ? ? 1_555 C5  A ASG 4  ? ? 2_556 1.45 
75  1 O5  A GCU 1  ? ? 1_555 H2  A ASG 4  ? ? 2_556 1.46 
76  1 H2  A ASG 2  ? ? 1_555 O5  A GCU 3  ? ? 2_556 1.46 
77  1 C7  A ASG 2  ? ? 1_555 H4  A ASG 2  ? ? 2_556 1.46 
78  1 C7  A ASG 4  ? ? 1_555 H4  A ASG 4  ? ? 2_557 1.46 
79  1 H2  A GCU 1  ? ? 1_555 C1  A ASG 4  ? ? 2_556 1.48 
80  1 C1  A ASG 2  ? ? 1_555 H2  A GCU 3  ? ? 2_556 1.48 
81  1 C3  A GCU 1  ? ? 1_555 O3  A GCU 3  ? ? 2_556 1.49 
82  1 O3  A GCU 1  ? ? 1_555 C3  A GCU 3  ? ? 2_556 1.49 
83  1 O4  A GCU 1  ? ? 1_555 C5  A GCU 3  ? ? 2_556 1.55 
84  1 C5  A GCU 1  ? ? 1_555 O4  A GCU 3  ? ? 2_556 1.55 
85  1 O7  A ASG 4  ? ? 1_555 OSB A ASG 4  ? ? 2_557 1.55 
86  1 O7  A ASG 2  ? ? 1_555 OSB A ASG 2  ? ? 2_556 1.55 
87  1 O6  A ASG 2  ? ? 1_555 O   A HOH 14 ? ? 3_545 1.56 
88  1 O6  A ASG 4  ? ? 1_555 O   A HOH 21 ? ? 3_556 1.56 
89  1 H61 A ASG 4  ? ? 1_555 O   A HOH 21 ? ? 3_556 1.57 
90  1 H61 A ASG 2  ? ? 1_555 O   A HOH 14 ? ? 3_545 1.57 
91  1 OSC A ASG 2  ? ? 1_555 H81 A ASG 2  ? ? 2_456 1.57 
92  1 OSC A ASG 4  ? ? 1_555 H81 A ASG 4  ? ? 2_657 1.57 
93  1 HN2 A ASG 2  ? ? 1_555 O5  A GCU 3  ? ? 2_556 1.58 
94  1 O5  A GCU 1  ? ? 1_555 HN2 A ASG 4  ? ? 2_556 1.58 
95  1 C1  A GCU 1  ? ? 1_555 H3  A ASG 4  ? ? 2_556 1.58 
96  1 H3  A ASG 2  ? ? 1_555 C1  A GCU 3  ? ? 2_556 1.58 
97  1 C3  A ASG 2  ? ? 1_555 C3  A ASG 2  ? ? 2_556 1.59 
98  1 C3  A ASG 4  ? ? 1_555 C3  A ASG 4  ? ? 2_557 1.59 
99  1 O6A A GCU 1  ? ? 1_555 C6  A GCU 3  ? ? 2_556 1.63 
100 1 C6  A GCU 1  ? ? 1_555 O6A A GCU 3  ? ? 2_556 1.63 
101 1 C1  A GCU 1  ? ? 1_555 N2  A ASG 4  ? ? 2_556 1.67 
102 1 N2  A ASG 2  ? ? 1_555 C1  A GCU 3  ? ? 2_556 1.67 
103 1 C4  A GCU 1  ? ? 1_555 C1  A ASG 4  ? ? 2_556 1.67 
104 1 C1  A ASG 2  ? ? 1_555 C4  A GCU 3  ? ? 2_556 1.67 
105 1 C4  A ASG 2  ? ? 1_555 O3  A ASG 2  ? ? 2_556 1.69 
106 1 O1  A GCU 1  ? ? 1_555 C4  A ASG 4  ? ? 2_556 1.69 
107 1 C3  A GCU 1  ? ? 1_555 O5  A ASG 4  ? ? 2_556 1.72 
108 1 O5  A ASG 2  ? ? 1_555 C3  A GCU 3  ? ? 2_556 1.72 
109 1 O3  A ASG 2  ? ? 1_555 O   A HOH 15 ? ? 4_555 1.73 
110 1 O1  A GCU 1  ? ? 1_555 O   A HOH 22 ? ? 4_544 1.73 
111 1 C1  A ASG 2  ? ? 1_555 O5  A GCU 3  ? ? 2_556 1.74 
112 1 O5  A GCU 1  ? ? 1_555 C1  A ASG 4  ? ? 2_556 1.74 
113 1 O5  A ASG 2  ? ? 1_555 O2  A GCU 3  ? ? 2_556 1.77 
114 1 O2  A GCU 1  ? ? 1_555 O5  A ASG 4  ? ? 2_556 1.77 
115 1 C6  A GCU 1  ? ? 1_555 C6  A GCU 3  ? ? 2_556 1.77 
116 1 O4  A GCU 1  ? ? 1_555 C3  A GCU 3  ? ? 2_556 1.78 
117 1 C3  A GCU 1  ? ? 1_555 O4  A GCU 3  ? ? 2_556 1.78 
118 1 O2  A GCU 1  ? ? 1_555 C4  A ASG 4  ? ? 2_556 1.78 
119 1 C4  A ASG 2  ? ? 1_555 O2  A GCU 3  ? ? 2_556 1.78 
120 1 C2  A GCU 1  ? ? 1_555 C2  A ASG 4  ? ? 2_556 1.80 
121 1 C2  A ASG 2  ? ? 1_555 C2  A GCU 3  ? ? 2_556 1.80 
122 1 C5  A GCU 1  ? ? 1_555 N2  A ASG 4  ? ? 2_556 1.82 
123 1 N2  A ASG 2  ? ? 1_555 C5  A GCU 3  ? ? 2_556 1.82 
124 1 C4  A ASG 2  ? ? 1_555 O7  A ASG 2  ? ? 2_556 1.84 
125 1 C4  A ASG 4  ? ? 1_555 O7  A ASG 4  ? ? 2_557 1.84 
126 1 O   A HOH 15 ? ? 1_555 O   A HOH 23 ? ? 4_554 1.92 
127 1 O   A HOH 16 ? ? 1_555 O   A HOH 22 ? ? 4_544 1.92 
128 1 O5  A GCU 1  ? ? 1_555 C7  A ASG 4  ? ? 2_556 1.94 
129 1 C7  A ASG 2  ? ? 1_555 O5  A GCU 3  ? ? 2_556 1.94 
130 1 C3  A GCU 1  ? ? 1_555 C4  A GCU 3  ? ? 2_556 1.94 
131 1 C4  A GCU 1  ? ? 1_555 C3  A GCU 3  ? ? 2_556 1.94 
132 1 C5  A GCU 1  ? ? 1_555 C1  A ASG 4  ? ? 2_556 1.96 
133 1 C1  A ASG 2  ? ? 1_555 C5  A GCU 3  ? ? 2_556 1.96 
134 1 C3  A GCU 1  ? ? 1_555 C3  A GCU 3  ? ? 2_556 1.98 
135 1 O4  A GCU 1  ? ? 1_555 O5  A GCU 3  ? ? 2_556 2.00 
136 1 O5  A GCU 1  ? ? 1_555 O4  A GCU 3  ? ? 2_556 2.00 
137 1 C3  A ASG 4  ? ? 1_555 O   A HOH 22 ? ? 3_556 2.02 
138 1 C3  A ASG 2  ? ? 1_555 O   A HOH 15 ? ? 3_545 2.02 
139 1 C8  A ASG 4  ? ? 1_555 O   A HOH 11 ? ? 2_456 2.02 
140 1 C8  A ASG 2  ? ? 1_555 O   A HOH 18 ? ? 2_656 2.02 
141 1 O3  A GCU 1  ? ? 1_555 O5  A ASG 4  ? ? 2_556 2.05 
142 1 O5  A ASG 2  ? ? 1_555 O3  A GCU 3  ? ? 2_556 2.05 
143 1 O2  A GCU 1  ? ? 1_555 C6  A ASG 4  ? ? 2_556 2.05 
144 1 C6  A ASG 2  ? ? 1_555 O2  A GCU 3  ? ? 2_556 2.05 
145 1 O6A A GCU 1  ? ? 1_555 O6A A GCU 3  ? ? 2_556 2.06 
146 1 C4  A GCU 1  ? ? 1_555 C5  A GCU 3  ? ? 2_556 2.08 
147 1 C5  A GCU 1  ? ? 1_555 C4  A GCU 3  ? ? 2_556 2.08 
148 1 S   A ASG 4  ? ? 1_555 O   A HOH 22 ? ? 3_556 2.12 
149 1 S   A ASG 2  ? ? 1_555 O   A HOH 15 ? ? 3_545 2.12 
150 1 C2  A GCU 1  ? ? 1_555 C4  A ASG 4  ? ? 2_556 2.13 
151 1 C4  A ASG 2  ? ? 1_555 C2  A GCU 3  ? ? 2_556 2.13 
152 1 O   A HOH 10 ? ? 1_555 O   A HOH 17 ? ? 2_656 2.14 
153 1 C2  A GCU 1  ? ? 1_555 C3  A ASG 4  ? ? 2_556 2.17 
154 1 C3  A ASG 2  ? ? 1_555 C2  A GCU 3  ? ? 2_556 2.17 
155 1 O4  A GCU 1  ? ? 1_555 O4  A GCU 3  ? ? 2_556 2.17 
# 
loop_
_pdbx_validate_chiral.id 
_pdbx_validate_chiral.PDB_model_num 
_pdbx_validate_chiral.auth_atom_id 
_pdbx_validate_chiral.label_alt_id 
_pdbx_validate_chiral.auth_asym_id 
_pdbx_validate_chiral.auth_comp_id 
_pdbx_validate_chiral.auth_seq_id 
_pdbx_validate_chiral.PDB_ins_code 
_pdbx_validate_chiral.details 
_pdbx_validate_chiral.omega 
1 1 C1 ? A GCU 1 ? 'WRONG HAND' . 
2 1 C1 ? A GCU 3 ? 'WRONG HAND' . 
# 
loop_
_chem_comp_atom.comp_id 
_chem_comp_atom.atom_id 
_chem_comp_atom.type_symbol 
_chem_comp_atom.pdbx_aromatic_flag 
_chem_comp_atom.pdbx_stereo_config 
_chem_comp_atom.pdbx_ordinal 
ASG C1   C  N R 1  
ASG C2   C  N R 2  
ASG C3   C  N R 3  
ASG C4   C  N R 4  
ASG C5   C  N R 5  
ASG C6   C  N N 6  
ASG C7   C  N N 7  
ASG C8   C  N N 8  
ASG O1   O  N N 9  
ASG N2   N  N N 10 
ASG O3   O  N N 11 
ASG O4   O  N N 12 
ASG O5   O  N N 13 
ASG O6   O  N N 14 
ASG O7   O  N N 15 
ASG OSA  O  N N 16 
ASG OSB  O  N N 17 
ASG OSC  O  N N 18 
ASG S    S  N N 19 
ASG H1   H  N N 20 
ASG H2   H  N N 21 
ASG H3   H  N N 22 
ASG H4   H  N N 23 
ASG H5   H  N N 24 
ASG H61  H  N N 25 
ASG H62  H  N N 26 
ASG H81  H  N N 27 
ASG H82  H  N N 28 
ASG H83  H  N N 29 
ASG HO1  H  N N 30 
ASG HN2  H  N N 31 
ASG HO3  H  N N 32 
ASG HO6  H  N N 33 
ASG HOA  H  N N 34 
CA  CA   CA N N 35 
GCU C1   C  N S 36 
GCU C2   C  N R 37 
GCU C3   C  N S 38 
GCU C4   C  N S 39 
GCU C5   C  N S 40 
GCU C6   C  N N 41 
GCU O1   O  N N 42 
GCU O2   O  N N 43 
GCU O3   O  N N 44 
GCU O4   O  N N 45 
GCU O5   O  N N 46 
GCU O6A  O  N N 47 
GCU O6B  O  N N 48 
GCU H1   H  N N 49 
GCU H2   H  N N 50 
GCU H3   H  N N 51 
GCU H4   H  N N 52 
GCU H5   H  N N 53 
GCU HO1  H  N N 54 
GCU HO2  H  N N 55 
GCU HO3  H  N N 56 
GCU HO4  H  N N 57 
GCU HO6B H  N N 58 
HOH O    O  N N 59 
HOH H1   H  N N 60 
HOH H2   H  N N 61 
# 
loop_
_chem_comp_bond.comp_id 
_chem_comp_bond.atom_id_1 
_chem_comp_bond.atom_id_2 
_chem_comp_bond.value_order 
_chem_comp_bond.pdbx_aromatic_flag 
_chem_comp_bond.pdbx_stereo_config 
_chem_comp_bond.pdbx_ordinal 
ASG C1  C2   sing N N 1  
ASG C1  O1   sing N N 2  
ASG C1  O5   sing N N 3  
ASG C1  H1   sing N N 4  
ASG C2  C3   sing N N 5  
ASG C2  N2   sing N N 6  
ASG C2  H2   sing N N 7  
ASG C3  C4   sing N N 8  
ASG C3  O3   sing N N 9  
ASG C3  H3   sing N N 10 
ASG C4  C5   sing N N 11 
ASG C4  O4   sing N N 12 
ASG C4  H4   sing N N 13 
ASG C5  C6   sing N N 14 
ASG C5  O5   sing N N 15 
ASG C5  H5   sing N N 16 
ASG C6  O6   sing N N 17 
ASG C6  H61  sing N N 18 
ASG C6  H62  sing N N 19 
ASG C7  C8   sing N N 20 
ASG C7  N2   sing N N 21 
ASG C7  O7   doub N N 22 
ASG C8  H81  sing N N 23 
ASG C8  H82  sing N N 24 
ASG C8  H83  sing N N 25 
ASG O1  HO1  sing N N 26 
ASG N2  HN2  sing N N 27 
ASG O3  HO3  sing N N 28 
ASG O4  S    sing N N 29 
ASG O6  HO6  sing N N 30 
ASG OSA S    sing N N 31 
ASG OSA HOA  sing N N 32 
ASG OSB S    doub N N 33 
ASG OSC S    doub N N 34 
GCU C1  C2   sing N N 35 
GCU C1  O1   sing N N 36 
GCU C1  O5   sing N N 37 
GCU C1  H1   sing N N 38 
GCU C2  C3   sing N N 39 
GCU C2  O2   sing N N 40 
GCU C2  H2   sing N N 41 
GCU C3  C4   sing N N 42 
GCU C3  O3   sing N N 43 
GCU C3  H3   sing N N 44 
GCU C4  C5   sing N N 45 
GCU C4  O4   sing N N 46 
GCU C4  H4   sing N N 47 
GCU C5  C6   sing N N 48 
GCU C5  O5   sing N N 49 
GCU C5  H5   sing N N 50 
GCU C6  O6A  doub N N 51 
GCU C6  O6B  sing N N 52 
GCU O1  HO1  sing N N 53 
GCU O2  HO2  sing N N 54 
GCU O3  HO3  sing N N 55 
GCU O4  HO4  sing N N 56 
GCU O6B HO6B sing N N 57 
HOH O   H1   sing N N 58 
HOH O   H2   sing N N 59 
# 
loop_
_pdbx_entity_branch_list.entity_id 
_pdbx_entity_branch_list.comp_id 
_pdbx_entity_branch_list.num 
_pdbx_entity_branch_list.hetero 
1 GCU 1 n 
1 ASG 2 n 
1 GCU 3 n 
1 ASG 4 n 
# 
_atom_sites.entry_id                    2C4S 
_atom_sites.fract_transf_matrix[1][1]   0.02397848 
_atom_sites.fract_transf_matrix[1][2]   0.01739358 
_atom_sites.fract_transf_matrix[1][3]   0.13091849 
_atom_sites.fract_transf_matrix[2][1]   -0.00338950 
_atom_sites.fract_transf_matrix[2][2]   -0.05547302 
_atom_sites.fract_transf_matrix[2][3]   0.00799084 
_atom_sites.fract_transf_matrix[3][1]   0.05000261 
_atom_sites.fract_transf_matrix[3][2]   -0.00429234 
_atom_sites.fract_transf_matrix[3][3]   -0.00858799 
_atom_sites.fract_transf_vector[1]      0.000000 
_atom_sites.fract_transf_vector[2]      0.000000 
_atom_sites.fract_transf_vector[3]      0.555143 
# 
loop_
_atom_type.symbol 
C  
CA 
H  
N  
O  
S  
# 
loop_
_atom_site.group_PDB 
_atom_site.id 
_atom_site.type_symbol 
_atom_site.label_atom_id 
_atom_site.label_alt_id 
_atom_site.label_comp_id 
_atom_site.label_asym_id 
_atom_site.label_entity_id 
_atom_site.label_seq_id 
_atom_site.pdbx_PDB_ins_code 
_atom_site.Cartn_x 
_atom_site.Cartn_y 
_atom_site.Cartn_z 
_atom_site.occupancy 
_atom_site.B_iso_or_equiv 
_atom_site.pdbx_formal_charge 
_atom_site.auth_seq_id 
_atom_site.auth_comp_id 
_atom_site.auth_asym_id 
_atom_site.auth_atom_id 
_atom_site.pdbx_PDB_model_num 
HETATM 1   C  C1  . GCU A 1 . ? -8.985 0.945  1.865  1.00 0.00 ? 1  GCU A C1  1 
HETATM 2   C  C2  . GCU A 1 . ? -7.927 2.038  1.919  1.00 0.00 ? 1  GCU A C2  1 
HETATM 3   C  C3  . GCU A 1 . ? -6.799 1.739  0.945  1.00 0.00 ? 1  GCU A C3  1 
HETATM 4   C  C4  . GCU A 1 . ? -6.251 0.338  1.184  1.00 0.00 ? 1  GCU A C4  1 
HETATM 5   C  C5  . GCU A 1 . ? -7.388 -0.679 1.181  1.00 0.00 ? 1  GCU A C5  1 
HETATM 6   C  C6  . GCU A 1 . ? -6.921 -2.077 1.527  1.00 0.00 ? 1  GCU A C6  1 
HETATM 7   O  O1  . GCU A 1 . ? -9.922 1.191  2.860  1.00 0.00 ? 1  GCU A O1  1 
HETATM 8   O  O2  . GCU A 1 . ? -8.530 3.293  1.625  1.00 0.00 ? 1  GCU A O2  1 
HETATM 9   O  O3  . GCU A 1 . ? -5.755 2.700  1.110  1.00 0.00 ? 1  GCU A O3  1 
HETATM 10  O  O4  . GCU A 1 . ? -5.322 -0.014 0.161  1.00 0.00 ? 1  GCU A O4  1 
HETATM 11  O  O5  . GCU A 1 . ? -8.379 -0.316 2.154  1.00 0.00 ? 1  GCU A O5  1 
HETATM 12  O  O6A . GCU A 1 . ? -6.544 -2.764 0.555  1.00 0.00 ? 1  GCU A O6A 1 
HETATM 13  O  O6B . GCU A 1 . ? -6.974 -2.365 2.743  1.00 0.00 ? 1  GCU A O6B 1 
HETATM 14  H  H1  . GCU A 1 . ? -9.431 0.917  0.859  1.00 0.00 ? 1  GCU A H1  1 
HETATM 15  H  H2  . GCU A 1 . ? -7.522 2.106  2.940  1.00 0.00 ? 1  GCU A H2  1 
HETATM 16  H  H3  . GCU A 1 . ? -7.175 1.814  -0.086 1.00 0.00 ? 1  GCU A H3  1 
HETATM 17  H  H4  . GCU A 1 . ? -5.734 0.307  2.155  1.00 0.00 ? 1  GCU A H4  1 
HETATM 18  H  H5  . GCU A 1 . ? -7.847 -0.712 0.182  1.00 0.00 ? 1  GCU A H5  1 
HETATM 19  C  C1  . ASG A 1 . ? -4.148 0.726  0.110  1.00 0.00 ? 2  ASG A C1  1 
HETATM 20  C  C2  . ASG A 1 . ? -3.012 -0.202 -0.304 1.00 0.00 ? 2  ASG A C2  1 
HETATM 21  C  C3  . ASG A 1 . ? -1.730 0.586  -0.516 1.00 0.00 ? 2  ASG A C3  1 
HETATM 22  C  C4  . ASG A 1 . ? -1.969 1.735  -1.487 1.00 0.00 ? 2  ASG A C4  1 
HETATM 23  C  C5  . ASG A 1 . ? -3.164 2.567  -1.032 1.00 0.00 ? 2  ASG A C5  1 
HETATM 24  C  C6  . ASG A 1 . ? -3.524 3.658  -2.017 1.00 0.00 ? 2  ASG A C6  1 
HETATM 25  C  C7  . ASG A 1 . ? -2.464 -2.514 0.349  1.00 0.00 ? 2  ASG A C7  1 
HETATM 26  C  C8  . ASG A 1 . ? -2.310 -3.467 1.509  1.00 0.00 ? 2  ASG A C8  1 
HETATM 27  N  N2  . ASG A 1 . ? -2.826 -1.240 0.736  1.00 0.00 ? 2  ASG A N2  1 
HETATM 28  O  O3  . ASG A 1 . ? -0.716 -0.278 -1.033 1.00 0.00 ? 2  ASG A O3  1 
HETATM 29  O  O4  . ASG A 1 . ? -2.223 1.233  -2.797 1.00 0.00 ? 2  ASG A O4  1 
HETATM 30  O  O5  . ASG A 1 . ? -4.323 1.732  -0.890 1.00 0.00 ? 2  ASG A O5  1 
HETATM 31  O  O6  . ASG A 1 . ? -4.029 4.820  -1.360 1.00 0.00 ? 2  ASG A O6  1 
HETATM 32  O  O7  . ASG A 1 . ? -2.287 -2.840 -0.814 1.00 0.00 ? 2  ASG A O7  1 
HETATM 33  O  OSA . ASG A 1 . ? -0.887 0.597  -4.801 1.00 0.00 ? 2  ASG A OSA 1 
HETATM 34  O  OSB . ASG A 1 . ? -0.002 2.230  -3.333 1.00 0.00 ? 2  ASG A OSB 1 
HETATM 35  O  OSC . ASG A 1 . ? -1.839 2.764  -4.727 1.00 0.00 ? 2  ASG A OSC 1 
HETATM 36  S  S   . ASG A 1 . ? -1.215 1.717  -3.941 1.00 0.00 ? 2  ASG A S   1 
HETATM 37  H  H1  . ASG A 1 . ? -3.902 1.202  1.070  1.00 0.00 ? 2  ASG A H1  1 
HETATM 38  H  H2  . ASG A 1 . ? -3.282 -0.721 -1.236 1.00 0.00 ? 2  ASG A H2  1 
HETATM 39  H  H3  . ASG A 1 . ? -1.381 0.987  0.448  1.00 0.00 ? 2  ASG A H3  1 
HETATM 40  H  H4  . ASG A 1 . ? -1.077 2.377  -1.523 1.00 0.00 ? 2  ASG A H4  1 
HETATM 41  H  H5  . ASG A 1 . ? -2.934 3.044  -0.068 1.00 0.00 ? 2  ASG A H5  1 
HETATM 42  H  H61 . ASG A 1 . ? -2.631 3.946  -2.590 1.00 0.00 ? 2  ASG A H61 1 
HETATM 43  H  H62 . ASG A 1 . ? -4.298 3.289  -2.707 1.00 0.00 ? 2  ASG A H62 1 
HETATM 44  H  H81 . ASG A 1 . ? -1.587 -3.056 2.228  1.00 0.00 ? 2  ASG A H81 1 
HETATM 45  H  H82 . ASG A 1 . ? -3.283 -3.602 2.006  1.00 0.00 ? 2  ASG A H82 1 
HETATM 46  H  H83 . ASG A 1 . ? -1.949 -4.438 1.141  1.00 0.00 ? 2  ASG A H83 1 
HETATM 47  H  HN2 . ASG A 1 . ? -2.956 -1.023 1.651  1.00 0.00 ? 2  ASG A HN2 1 
HETATM 48  C  C1  . GCU A 1 . ? 0.523  -0.219 -0.411 1.00 0.00 ? 3  GCU A C1  1 
HETATM 49  C  C2  . GCU A 1 . ? 1.307  -1.470 -0.782 1.00 0.00 ? 3  GCU A C2  1 
HETATM 50  C  C3  . GCU A 1 . ? 2.727  -1.389 -0.245 1.00 0.00 ? 3  GCU A C3  1 
HETATM 51  C  C4  . GCU A 1 . ? 3.389  -0.092 -0.693 1.00 0.00 ? 3  GCU A C4  1 
HETATM 52  C  C5  . GCU A 1 . ? 2.503  1.098  -0.342 1.00 0.00 ? 3  GCU A C5  1 
HETATM 53  C  C6  . GCU A 1 . ? 3.053  2.409  -0.863 1.00 0.00 ? 3  GCU A C6  1 
HETATM 54  O  O2  . GCU A 1 . ? 0.636  -2.615 -0.269 1.00 0.00 ? 3  GCU A O2  1 
HETATM 55  O  O3  . GCU A 1 . ? 3.484  -2.505 -0.720 1.00 0.00 ? 3  GCU A O3  1 
HETATM 56  O  O4  . GCU A 1 . ? 4.650  0.072  -0.046 1.00 0.00 ? 3  GCU A O4  1 
HETATM 57  O  O5  . GCU A 1 . ? 1.200  0.933  -0.921 1.00 0.00 ? 3  GCU A O5  1 
HETATM 58  O  O6A . GCU A 1 . ? 3.839  2.996  -0.090 1.00 0.00 ? 3  GCU A O6A 1 
HETATM 59  O  O6B . GCU A 1 . ? 2.649  2.736  -2.000 1.00 0.00 ? 3  GCU A O6B 1 
HETATM 60  H  H1  . GCU A 1 . ? 0.447  -0.145 0.684  1.00 0.00 ? 3  GCU A H1  1 
HETATM 61  H  H2  . GCU A 1 . ? 1.334  -1.575 -1.878 1.00 0.00 ? 3  GCU A H2  1 
HETATM 62  H  H3  . GCU A 1 . ? 2.707  -1.430 0.854  1.00 0.00 ? 3  GCU A H3  1 
HETATM 63  H  H4  . GCU A 1 . ? 3.553  -0.120 -1.780 1.00 0.00 ? 3  GCU A H4  1 
HETATM 64  H  H5  . GCU A 1 . ? 2.412  1.179  0.752  1.00 0.00 ? 3  GCU A H5  1 
HETATM 65  C  C1  . ASG A 1 . ? 5.634  -0.853 -0.365 1.00 0.00 ? 4  ASG A C1  1 
HETATM 66  C  C2  . ASG A 1 . ? 6.980  -0.139 -0.377 1.00 0.00 ? 4  ASG A C2  1 
HETATM 67  C  C3  . ASG A 1 . ? 8.111  -1.134 -0.580 1.00 0.00 ? 4  ASG A C3  1 
HETATM 68  C  C4  . ASG A 1 . ? 8.020  -2.255 0.447  1.00 0.00 ? 4  ASG A C4  1 
HETATM 69  C  C5  . ASG A 1 . ? 6.622  -2.864 0.438  1.00 0.00 ? 4  ASG A C5  1 
HETATM 70  C  C6  . ASG A 1 . ? 6.433  -3.907 1.518  1.00 0.00 ? 4  ASG A C6  1 
HETATM 71  C  C7  . ASG A 1 . ? 7.655  2.068  -1.240 1.00 0.00 ? 4  ASG A C7  1 
HETATM 72  C  C8  . ASG A 1 . ? 7.572  3.016  -2.413 1.00 0.00 ? 4  ASG A C8  1 
HETATM 73  N  N2  . ASG A 1 . ? 6.980  0.883  -1.449 1.00 0.00 ? 4  ASG A N2  1 
HETATM 74  O  O4  . ASG A 1 . ? 8.301  -1.755 1.753  1.00 0.00 ? 4  ASG A O4  1 
HETATM 75  O  O5  . ASG A 1 . ? 5.637  -1.845 0.665  1.00 0.00 ? 4  ASG A O5  1 
HETATM 76  O  O6  . ASG A 1 . ? 5.554  -4.951 1.098  1.00 0.00 ? 4  ASG A O6  1 
HETATM 77  O  O7  . ASG A 1 . ? 8.259  2.327  -0.212 1.00 0.00 ? 4  ASG A O7  1 
HETATM 78  O  OSA . ASG A 1 . ? 10.312 -1.406 3.183  1.00 0.00 ? 4  ASG A OSA 1 
HETATM 79  O  OSB . ASG A 1 . ? 10.377 -3.120 1.551  1.00 0.00 ? 4  ASG A OSB 1 
HETATM 80  O  OSC . ASG A 1 . ? 9.044  -3.382 3.490  1.00 0.00 ? 4  ASG A OSC 1 
HETATM 81  S  S   . ASG A 1 . ? 9.537  -2.432 2.511  1.00 0.00 ? 4  ASG A S   1 
HETATM 82  H  H1  . ASG A 1 . ? 5.466  -1.336 -1.338 1.00 0.00 ? 4  ASG A H1  1 
HETATM 83  H  H2  . ASG A 1 . ? 7.124  0.392  0.576  1.00 0.00 ? 4  ASG A H2  1 
HETATM 84  H  H3  . ASG A 1 . ? 8.049  -1.559 -1.593 1.00 0.00 ? 4  ASG A H3  1 
HETATM 85  H  H4  . ASG A 1 . ? 8.755  -3.036 0.205  1.00 0.00 ? 4  ASG A H4  1 
HETATM 86  H  H5  . ASG A 1 . ? 6.437  -3.345 -0.534 1.00 0.00 ? 4  ASG A H5  1 
HETATM 87  H  H61 . ASG A 1 . ? 7.405  -4.355 1.770  1.00 0.00 ? 4  ASG A H61 1 
HETATM 88  H  H62 . ASG A 1 . ? 6.004  -3.435 2.414  1.00 0.00 ? 4  ASG A H62 1 
HETATM 89  H  H81 . ASG A 1 . ? 7.937  2.511  -3.319 1.00 0.00 ? 4  ASG A H81 1 
HETATM 90  H  H82 . ASG A 1 . ? 6.526  3.323  -2.563 1.00 0.00 ? 4  ASG A H82 1 
HETATM 91  H  H83 . ASG A 1 . ? 8.190  3.902  -2.213 1.00 0.00 ? 4  ASG A H83 1 
HETATM 92  H  HN2 . ASG A 1 . ? 6.521  0.717  -2.264 1.00 0.00 ? 4  ASG A HN2 1 
HETATM 93  CA CA  . CA  B 2 . ? -6.387 -1.541 5.180  1.00 0.00 ? 5  CA  A CA  1 
HETATM 94  CA CA  . CA  C 2 . ? 2.250  1.896  -4.470 1.00 0.00 ? 6  CA  A CA  1 
HETATM 95  O  O   . HOH D 3 . ? -6.271 0.925  4.903  1.00 0.00 ? 10 HOH A O   1 
HETATM 96  O  O   . HOH D 3 . ? -7.697 -2.465 7.096  1.00 0.00 ? 11 HOH A O   1 
HETATM 97  O  O   . HOH D 3 . ? -4.238 -0.687 4.290  1.00 0.00 ? 12 HOH A O   1 
HETATM 98  O  O   . HOH D 3 . ? -5.881 -3.299 5.898  0.50 0.00 ? 13 HOH A O   1 
HETATM 99  O  O   . HOH D 3 . ? -7.623 -3.800 4.780  1.00 0.00 ? 14 HOH A O   1 
HETATM 100 O  O   . HOH D 3 . ? -9.866 -6.680 5.458  1.00 0.00 ? 15 HOH A O   1 
HETATM 101 O  O   . HOH D 3 . ? -8.968 3.823  5.003  1.00 0.00 ? 16 HOH A O   1 
HETATM 102 O  O   . HOH D 3 . ? 2.042  -0.562 -4.177 1.00 0.00 ? 17 HOH A O   1 
HETATM 103 O  O   . HOH D 3 . ? 0.551  3.078  -5.869 1.00 0.00 ? 18 HOH A O   1 
HETATM 104 O  O   . HOH D 3 . ? 4.399  0.673  -4.318 1.00 0.00 ? 19 HOH A O   1 
HETATM 105 O  O   . HOH D 3 . ? 2.774  3.566  -5.364 0.50 0.00 ? 20 HOH A O   1 
HETATM 106 O  O   . HOH D 3 . ? 1.609  4.317  -3.747 1.00 0.00 ? 21 HOH A O   1 
HETATM 107 O  O   . HOH D 3 . ? -0.222 7.546  -3.725 1.00 0.00 ? 22 HOH A O   1 
HETATM 108 O  O   . HOH D 3 . ? -0.977 -2.970 -3.295 1.00 0.00 ? 23 HOH A O   1 
# 
